data_4BTK
#
_entry.id   4BTK
#
_cell.length_a   170.940
_cell.length_b   40.280
_cell.length_c   50.270
_cell.angle_alpha   90.00
_cell.angle_beta   104.24
_cell.angle_gamma   90.00
#
_symmetry.space_group_name_H-M   'C 1 2 1'
#
loop_
_entity.id
_entity.type
_entity.pdbx_description
1 polymer 'TAU-TUBULIN KINASE 1'
2 non-polymer 'DIMETHYL SULFOXIDE'
3 non-polymer 4-[3-HYDROXYANILINO]-6,7-DIMETHOXYQUINAZOLINE
4 water water
#
_entity_poly.entity_id   1
_entity_poly.type   'polypeptide(L)'
_entity_poly.pdbx_seq_one_letter_code
;MHHHHHHSSGVDLGTENLYFQSNAMQCLAAALKDETNMSGGGEQADILPANYVVKDRWKVLKKIGGGGFGEIYEAMDLLT
RENVALKVESAQQPKQVLKMEVAVLKKLQGKDHVCRFIGCGRNEKFNYVVMQLQGRNLADLRRSQPRGTFTLSTTLRLGK
QILESIEAIHSVGFLHRDIKPSNFAMGRLPSTYRKCYMLDFGLARQYTNTTGDVRPPRNVAGFRGTVRYASVNAHKNREM
GRHDDLWSLFYMLVEFAVGQLPWRKIKDKEQVGMIKEKYEHRMLLKHMPSEFHLFLDHIASLDYFTKPDYQLIMSVFENS
MKERGIAENEAFDWEKA
;
_entity_poly.pdbx_strand_id   A
#
loop_
_chem_comp.id
_chem_comp.type
_chem_comp.name
_chem_comp.formula
DMS non-polymer 'DIMETHYL SULFOXIDE' 'C2 H6 O S'
DTQ non-polymer 4-[3-HYDROXYANILINO]-6,7-DIMETHOXYQUINAZOLINE 'C16 H15 N3 O3'
#
# COMPACT_ATOMS: atom_id res chain seq x y z
N ASP A 46 10.95 10.17 20.40
CA ASP A 46 11.24 8.77 20.12
C ASP A 46 11.00 7.91 21.33
N ILE A 47 10.21 6.83 21.15
CA ILE A 47 9.86 5.85 22.18
C ILE A 47 11.14 5.11 22.58
N LEU A 48 11.91 4.65 21.57
CA LEU A 48 13.15 3.91 21.77
C LEU A 48 14.36 4.73 21.34
N PRO A 49 15.35 4.93 22.25
CA PRO A 49 16.57 5.64 21.84
C PRO A 49 17.49 4.70 21.09
N ALA A 50 18.47 5.23 20.31
CA ALA A 50 19.42 4.38 19.59
C ALA A 50 20.24 3.52 20.58
N ASN A 51 20.52 2.27 20.19
CA ASN A 51 21.24 1.24 20.97
C ASN A 51 20.39 0.49 22.01
N TYR A 52 19.11 0.88 22.18
CA TYR A 52 18.20 0.16 23.09
C TYR A 52 18.00 -1.26 22.54
N VAL A 53 18.02 -2.28 23.42
CA VAL A 53 17.86 -3.68 23.02
C VAL A 53 16.50 -4.23 23.49
N VAL A 54 15.68 -4.72 22.54
CA VAL A 54 14.35 -5.27 22.78
C VAL A 54 14.46 -6.76 22.96
N LYS A 55 13.94 -7.28 24.10
CA LYS A 55 13.91 -8.71 24.46
C LYS A 55 15.30 -9.38 24.26
N ASP A 56 16.38 -8.67 24.65
CA ASP A 56 17.79 -9.10 24.54
C ASP A 56 18.14 -9.69 23.16
N ARG A 57 17.52 -9.15 22.07
CA ARG A 57 17.69 -9.66 20.72
C ARG A 57 17.71 -8.60 19.63
N TRP A 58 16.83 -7.57 19.73
CA TRP A 58 16.75 -6.54 18.70
C TRP A 58 17.27 -5.22 19.14
N LYS A 59 18.49 -4.86 18.68
CA LYS A 59 19.20 -3.62 19.05
C LYS A 59 18.87 -2.50 18.07
N VAL A 60 18.42 -1.33 18.58
CA VAL A 60 18.00 -0.18 17.79
C VAL A 60 19.18 0.54 17.12
N LEU A 61 19.12 0.61 15.78
CA LEU A 61 20.13 1.27 14.95
C LEU A 61 19.70 2.69 14.67
N LYS A 62 18.49 2.87 14.09
CA LYS A 62 17.93 4.19 13.75
C LYS A 62 16.41 4.14 13.52
N LYS A 63 15.75 5.31 13.64
CA LYS A 63 14.33 5.49 13.33
C LYS A 63 14.25 5.67 11.83
N ILE A 64 13.40 4.86 11.16
CA ILE A 64 13.28 4.92 9.71
C ILE A 64 12.16 5.84 9.21
N GLY A 65 11.03 5.84 9.92
CA GLY A 65 9.89 6.64 9.50
C GLY A 65 8.96 7.24 10.56
N GLY A 66 8.94 6.64 11.75
CA GLY A 66 8.10 7.09 12.86
C GLY A 66 6.64 6.70 12.78
N GLY A 70 2.45 5.28 16.00
CA GLY A 70 3.59 4.53 16.51
C GLY A 70 4.94 5.13 16.12
N GLU A 71 5.92 4.24 15.81
CA GLU A 71 7.30 4.53 15.38
C GLU A 71 7.93 3.28 14.78
N ILE A 72 8.68 3.43 13.66
CA ILE A 72 9.34 2.34 12.93
C ILE A 72 10.86 2.53 12.88
N TYR A 73 11.59 1.50 13.35
CA TYR A 73 13.06 1.51 13.47
C TYR A 73 13.75 0.41 12.68
N GLU A 74 15.00 0.66 12.27
CA GLU A 74 15.83 -0.37 11.68
C GLU A 74 16.56 -0.94 12.88
N ALA A 75 16.55 -2.27 13.04
CA ALA A 75 17.22 -2.87 14.18
C ALA A 75 18.13 -4.00 13.76
N MET A 76 19.12 -4.31 14.63
CA MET A 76 20.06 -5.42 14.48
C MET A 76 19.51 -6.64 15.24
N ASP A 77 19.30 -7.77 14.56
CA ASP A 77 18.86 -8.98 15.23
C ASP A 77 20.16 -9.66 15.75
N LEU A 78 20.42 -9.58 17.07
CA LEU A 78 21.62 -10.18 17.69
C LEU A 78 21.70 -11.69 17.59
N LEU A 79 20.60 -12.35 17.26
CA LEU A 79 20.64 -13.79 17.05
C LEU A 79 20.98 -14.22 15.60
N THR A 80 20.18 -13.78 14.62
CA THR A 80 20.32 -14.15 13.19
C THR A 80 21.31 -13.31 12.40
N ARG A 81 21.70 -12.15 12.96
CA ARG A 81 22.69 -11.17 12.51
C ARG A 81 22.28 -10.20 11.41
N GLU A 82 21.09 -10.41 10.82
CA GLU A 82 20.53 -9.53 9.78
C GLU A 82 19.85 -8.31 10.41
N ASN A 83 19.63 -7.25 9.60
CA ASN A 83 18.89 -6.09 10.05
C ASN A 83 17.39 -6.38 9.81
N VAL A 84 16.54 -5.82 10.67
CA VAL A 84 15.08 -6.06 10.67
C VAL A 84 14.35 -4.73 10.81
N ALA A 85 13.01 -4.77 10.59
CA ALA A 85 12.17 -3.57 10.80
C ALA A 85 11.47 -3.83 12.16
N LEU A 86 11.47 -2.83 13.02
CA LEU A 86 10.89 -2.92 14.37
C LEU A 86 9.91 -1.75 14.56
N LYS A 87 8.61 -2.07 14.71
CA LYS A 87 7.56 -1.06 14.89
C LYS A 87 7.01 -1.14 16.32
N VAL A 88 6.92 0.03 16.98
CA VAL A 88 6.50 0.12 18.36
C VAL A 88 5.29 1.02 18.57
N GLU A 89 4.55 0.73 19.63
CA GLU A 89 3.39 1.50 20.03
C GLU A 89 3.49 1.65 21.54
N SER A 90 3.37 2.89 22.03
CA SER A 90 3.43 3.16 23.48
C SER A 90 2.28 2.37 24.15
N ALA A 91 2.56 1.72 25.28
CA ALA A 91 1.57 0.92 26.01
C ALA A 91 0.40 1.76 26.56
N GLN A 92 0.61 3.09 26.77
CA GLN A 92 -0.38 4.05 27.28
C GLN A 92 -1.35 4.59 26.21
N GLN A 93 -0.95 4.51 24.92
CA GLN A 93 -1.70 4.96 23.73
C GLN A 93 -3.20 4.65 23.82
N PRO A 94 -4.07 5.67 23.61
CA PRO A 94 -5.53 5.43 23.70
C PRO A 94 -6.08 4.44 22.66
N LYS A 95 -5.92 4.74 21.35
CA LYS A 95 -6.33 3.85 20.26
C LYS A 95 -5.11 3.00 19.91
N GLN A 96 -5.19 1.70 20.23
CA GLN A 96 -4.14 0.71 20.02
C GLN A 96 -4.25 0.05 18.64
N VAL A 97 -3.41 0.49 17.69
CA VAL A 97 -3.41 -0.04 16.33
C VAL A 97 -2.45 -1.22 16.02
N LEU A 98 -1.24 -1.30 16.66
CA LEU A 98 -0.32 -2.38 16.29
C LEU A 98 -0.80 -3.82 16.52
N LYS A 99 -1.76 -4.03 17.46
CA LYS A 99 -2.35 -5.34 17.72
C LYS A 99 -3.09 -5.81 16.48
N MET A 100 -3.71 -4.85 15.75
CA MET A 100 -4.44 -5.12 14.51
C MET A 100 -3.44 -5.34 13.36
N GLU A 101 -2.38 -4.52 13.30
CA GLU A 101 -1.32 -4.65 12.29
C GLU A 101 -0.71 -6.07 12.30
N VAL A 102 -0.45 -6.61 13.53
CA VAL A 102 0.10 -7.96 13.81
C VAL A 102 -0.86 -9.01 13.28
N ALA A 103 -2.18 -8.88 13.56
CA ALA A 103 -3.22 -9.79 13.07
C ALA A 103 -3.17 -9.85 11.55
N VAL A 104 -3.16 -8.67 10.89
CA VAL A 104 -3.09 -8.60 9.41
C VAL A 104 -1.82 -9.29 8.90
N LEU A 105 -0.64 -8.89 9.42
CA LEU A 105 0.66 -9.47 9.03
C LEU A 105 0.67 -11.00 9.26
N LYS A 106 0.09 -11.49 10.36
CA LYS A 106 0.01 -12.95 10.62
C LYS A 106 -0.89 -13.68 9.62
N LYS A 107 -2.05 -13.11 9.27
CA LYS A 107 -2.97 -13.73 8.28
C LYS A 107 -2.37 -13.75 6.85
N LEU A 108 -1.43 -12.84 6.55
CA LEU A 108 -0.84 -12.75 5.22
C LEU A 108 0.39 -13.62 5.04
N GLN A 109 0.88 -14.29 6.10
CA GLN A 109 2.07 -15.16 5.96
C GLN A 109 1.80 -16.28 4.94
N GLY A 110 2.67 -16.38 3.95
CA GLY A 110 2.52 -17.35 2.85
C GLY A 110 2.34 -16.63 1.53
N LYS A 111 1.57 -15.53 1.55
CA LYS A 111 1.32 -14.70 0.35
C LYS A 111 2.56 -13.94 -0.04
N ASP A 112 2.73 -13.73 -1.36
CA ASP A 112 3.85 -12.97 -1.88
C ASP A 112 3.53 -11.47 -1.63
N HIS A 113 4.55 -10.60 -1.58
CA HIS A 113 4.42 -9.14 -1.38
C HIS A 113 4.15 -8.66 0.06
N VAL A 114 4.39 -9.54 1.06
CA VAL A 114 4.34 -9.20 2.50
C VAL A 114 5.64 -9.54 3.24
N CYS A 115 6.03 -8.69 4.21
CA CYS A 115 7.21 -8.90 5.05
C CYS A 115 7.06 -10.17 5.87
N ARG A 116 8.17 -10.88 6.11
CA ARG A 116 8.12 -12.08 6.95
C ARG A 116 7.93 -11.61 8.39
N PHE A 117 7.02 -12.26 9.11
CA PHE A 117 6.77 -11.98 10.53
C PHE A 117 7.90 -12.66 11.31
N ILE A 118 8.59 -11.89 12.15
CA ILE A 118 9.73 -12.37 12.95
C ILE A 118 9.29 -12.56 14.39
N GLY A 119 8.68 -11.52 14.97
CA GLY A 119 8.19 -11.56 16.34
C GLY A 119 7.35 -10.38 16.76
N CYS A 120 6.76 -10.48 17.94
CA CYS A 120 5.92 -9.46 18.57
C CYS A 120 5.95 -9.61 20.11
N GLY A 121 5.68 -8.52 20.79
CA GLY A 121 5.63 -8.55 22.24
C GLY A 121 4.91 -7.36 22.86
N ARG A 122 4.51 -7.53 24.11
CA ARG A 122 3.82 -6.48 24.86
C ARG A 122 4.59 -6.28 26.16
N ASN A 123 4.65 -5.04 26.62
CA ASN A 123 5.29 -4.74 27.91
C ASN A 123 4.64 -3.52 28.57
N GLU A 124 5.12 -3.16 29.78
CA GLU A 124 4.60 -2.06 30.59
C GLU A 124 4.79 -0.70 29.93
N LYS A 125 5.87 -0.55 29.14
CA LYS A 125 6.14 0.72 28.45
C LYS A 125 5.77 0.79 26.96
N PHE A 126 5.83 -0.33 26.23
CA PHE A 126 5.51 -0.36 24.81
C PHE A 126 5.10 -1.73 24.34
N ASN A 127 4.45 -1.78 23.16
CA ASN A 127 4.08 -2.99 22.43
C ASN A 127 5.00 -2.95 21.20
N TYR A 128 5.34 -4.09 20.61
CA TYR A 128 6.23 -4.05 19.45
C TYR A 128 5.96 -5.18 18.48
N VAL A 129 6.41 -5.01 17.22
CA VAL A 129 6.34 -6.05 16.19
C VAL A 129 7.70 -6.05 15.47
N VAL A 130 8.17 -7.22 15.13
CA VAL A 130 9.45 -7.37 14.42
C VAL A 130 9.11 -8.00 13.09
N MET A 131 9.63 -7.42 12.02
CA MET A 131 9.40 -8.00 10.70
C MET A 131 10.61 -7.77 9.76
N GLN A 132 10.59 -8.49 8.63
CA GLN A 132 11.61 -8.40 7.59
C GLN A 132 11.68 -6.97 7.06
N LEU A 133 12.90 -6.43 7.04
CA LEU A 133 13.21 -5.10 6.55
C LEU A 133 13.24 -5.08 5.02
N GLN A 134 12.59 -4.08 4.43
CA GLN A 134 12.60 -3.95 2.99
C GLN A 134 13.52 -2.80 2.58
N GLY A 135 13.54 -2.49 1.29
CA GLY A 135 14.40 -1.45 0.75
C GLY A 135 13.69 -0.20 0.30
N ARG A 136 13.99 0.23 -0.91
CA ARG A 136 13.54 1.48 -1.54
C ARG A 136 12.04 1.56 -1.78
N ASN A 137 11.40 2.66 -1.32
CA ASN A 137 9.96 2.83 -1.53
C ASN A 137 9.66 3.46 -2.90
N LEU A 138 8.47 3.15 -3.46
CA LEU A 138 8.05 3.62 -4.79
C LEU A 138 7.96 5.12 -4.99
N ALA A 139 7.68 5.88 -3.91
CA ALA A 139 7.62 7.35 -3.98
C ALA A 139 9.02 7.93 -4.18
N ASP A 140 10.02 7.42 -3.43
CA ASP A 140 11.41 7.91 -3.54
C ASP A 140 12.02 7.51 -4.91
N LEU A 141 11.74 6.27 -5.37
CA LEU A 141 12.17 5.78 -6.68
C LEU A 141 11.58 6.64 -7.83
N ARG A 142 10.31 7.07 -7.73
CA ARG A 142 9.71 7.90 -8.77
C ARG A 142 10.31 9.31 -8.78
N ARG A 143 10.54 9.92 -7.62
CA ARG A 143 11.13 11.26 -7.56
C ARG A 143 12.59 11.25 -8.03
N SER A 144 13.24 10.08 -7.99
CA SER A 144 14.62 9.88 -8.40
C SER A 144 14.74 9.82 -9.93
N GLN A 145 13.61 9.55 -10.63
CA GLN A 145 13.56 9.46 -12.09
C GLN A 145 13.82 10.82 -12.71
N PRO A 146 14.61 10.90 -13.82
CA PRO A 146 14.95 12.22 -14.39
C PRO A 146 13.76 13.09 -14.74
N ARG A 147 12.64 12.47 -15.16
CA ARG A 147 11.44 13.23 -15.49
C ARG A 147 10.36 13.09 -14.38
N GLY A 148 10.65 12.29 -13.34
CA GLY A 148 9.74 12.01 -12.24
C GLY A 148 8.64 11.08 -12.69
N THR A 149 8.93 10.28 -13.72
CA THR A 149 8.00 9.33 -14.33
C THR A 149 8.69 8.00 -14.47
N PHE A 150 7.93 6.91 -14.48
CA PHE A 150 8.49 5.60 -14.74
C PHE A 150 8.11 5.30 -16.20
N THR A 151 8.79 4.33 -16.83
CA THR A 151 8.43 3.93 -18.19
C THR A 151 7.14 3.15 -18.05
N LEU A 152 6.48 2.85 -19.17
CA LEU A 152 5.26 2.08 -19.12
C LEU A 152 5.54 0.63 -18.72
N SER A 153 6.76 0.16 -18.99
CA SER A 153 7.21 -1.18 -18.63
C SER A 153 7.25 -1.35 -17.09
N THR A 154 7.89 -0.40 -16.38
CA THR A 154 8.02 -0.39 -14.92
C THR A 154 6.63 -0.26 -14.29
N THR A 155 5.85 0.75 -14.75
CA THR A 155 4.49 1.07 -14.29
C THR A 155 3.58 -0.13 -14.36
N LEU A 156 3.59 -0.85 -15.52
CA LEU A 156 2.72 -2.00 -15.71
C LEU A 156 3.09 -3.19 -14.83
N ARG A 157 4.39 -3.46 -14.70
CA ARG A 157 4.89 -4.55 -13.86
C ARG A 157 4.71 -4.24 -12.38
N LEU A 158 4.84 -2.96 -11.98
CA LEU A 158 4.53 -2.58 -10.59
C LEU A 158 3.04 -2.74 -10.32
N GLY A 159 2.20 -2.36 -11.31
CA GLY A 159 0.73 -2.48 -11.26
C GLY A 159 0.24 -3.88 -10.98
N LYS A 160 0.82 -4.86 -11.68
CA LYS A 160 0.53 -6.29 -11.52
C LYS A 160 0.81 -6.75 -10.11
N GLN A 161 2.02 -6.39 -9.60
CA GLN A 161 2.51 -6.75 -8.28
C GLN A 161 1.69 -6.14 -7.13
N ILE A 162 1.30 -4.85 -7.27
CA ILE A 162 0.48 -4.15 -6.28
C ILE A 162 -0.92 -4.73 -6.28
N LEU A 163 -1.52 -4.96 -7.46
CA LEU A 163 -2.85 -5.59 -7.55
C LEU A 163 -2.91 -6.96 -6.84
N GLU A 164 -1.87 -7.80 -7.00
CA GLU A 164 -1.77 -9.11 -6.32
C GLU A 164 -1.79 -8.88 -4.80
N SER A 165 -1.02 -7.85 -4.32
CA SER A 165 -0.99 -7.49 -2.89
C SER A 165 -2.37 -7.05 -2.43
N ILE A 166 -3.07 -6.28 -3.28
CA ILE A 166 -4.40 -5.78 -2.94
C ILE A 166 -5.40 -6.95 -2.85
N GLU A 167 -5.39 -7.84 -3.85
CA GLU A 167 -6.28 -9.02 -3.81
C GLU A 167 -6.00 -9.90 -2.58
N ALA A 168 -4.71 -10.08 -2.22
CA ALA A 168 -4.26 -10.83 -1.03
C ALA A 168 -4.84 -10.28 0.27
N ILE A 169 -4.69 -8.95 0.55
CA ILE A 169 -5.24 -8.39 1.80
C ILE A 169 -6.76 -8.52 1.84
N HIS A 170 -7.43 -8.34 0.69
CA HIS A 170 -8.88 -8.47 0.58
C HIS A 170 -9.32 -9.90 0.79
N SER A 171 -8.50 -10.89 0.35
CA SER A 171 -8.82 -12.32 0.50
C SER A 171 -8.74 -12.76 1.98
N VAL A 172 -7.98 -12.03 2.83
CA VAL A 172 -7.95 -12.33 4.27
C VAL A 172 -8.99 -11.51 5.08
N GLY A 173 -9.81 -10.75 4.39
CA GLY A 173 -10.86 -9.99 5.04
C GLY A 173 -10.54 -8.57 5.46
N PHE A 174 -9.43 -7.97 4.96
CA PHE A 174 -9.12 -6.58 5.33
C PHE A 174 -9.03 -5.67 4.13
N LEU A 175 -9.28 -4.38 4.39
CA LEU A 175 -9.06 -3.31 3.43
C LEU A 175 -7.79 -2.61 3.92
N HIS A 176 -6.94 -2.15 3.01
CA HIS A 176 -5.71 -1.47 3.38
C HIS A 176 -6.05 -0.01 3.79
N ARG A 177 -6.80 0.68 2.93
CA ARG A 177 -7.30 2.06 3.06
C ARG A 177 -6.28 3.19 2.94
N ASP A 178 -4.99 2.84 2.79
CA ASP A 178 -3.93 3.83 2.67
C ASP A 178 -2.98 3.50 1.50
N ILE A 179 -3.54 3.01 0.36
CA ILE A 179 -2.74 2.68 -0.85
C ILE A 179 -2.12 3.94 -1.43
N LYS A 180 -0.79 3.97 -1.41
CA LYS A 180 0.00 5.09 -1.91
C LYS A 180 1.43 4.64 -2.22
N PRO A 181 2.18 5.37 -3.09
CA PRO A 181 3.56 4.94 -3.42
C PRO A 181 4.50 4.68 -2.25
N SER A 182 4.47 5.51 -1.21
CA SER A 182 5.37 5.34 -0.04
C SER A 182 5.09 4.13 0.86
N ASN A 183 3.93 3.46 0.67
CA ASN A 183 3.53 2.23 1.34
C ASN A 183 3.84 0.99 0.54
N PHE A 184 4.74 1.11 -0.44
CA PHE A 184 5.25 -0.03 -1.26
C PHE A 184 6.72 0.12 -1.40
N ALA A 185 7.45 -0.96 -1.18
CA ALA A 185 8.91 -0.94 -1.24
C ALA A 185 9.45 -2.16 -1.92
N MET A 186 10.58 -1.99 -2.63
CA MET A 186 11.26 -3.10 -3.29
C MET A 186 12.08 -3.87 -2.25
N GLY A 187 12.48 -5.08 -2.57
CA GLY A 187 13.33 -5.88 -1.68
C GLY A 187 14.73 -5.34 -1.58
N ARG A 188 15.52 -5.89 -0.63
CA ARG A 188 16.92 -5.46 -0.38
C ARG A 188 17.91 -6.67 -0.44
N LEU A 189 17.47 -7.78 -1.03
CA LEU A 189 18.24 -9.02 -1.14
C LEU A 189 18.32 -9.56 -2.57
N PRO A 190 19.37 -10.37 -2.90
CA PRO A 190 19.43 -10.98 -4.25
C PRO A 190 18.20 -11.77 -4.64
N SER A 191 17.49 -12.35 -3.67
CA SER A 191 16.27 -13.11 -3.95
C SER A 191 14.97 -12.24 -3.96
N THR A 192 15.05 -10.94 -3.54
CA THR A 192 13.85 -10.07 -3.44
C THR A 192 13.93 -8.70 -4.12
N TYR A 193 15.10 -8.28 -4.65
CA TYR A 193 15.31 -6.96 -5.27
C TYR A 193 14.36 -6.56 -6.44
N ARG A 194 13.64 -7.51 -7.03
CA ARG A 194 12.66 -7.27 -8.09
C ARG A 194 11.23 -7.55 -7.60
N LYS A 195 11.05 -7.75 -6.28
CA LYS A 195 9.71 -7.95 -5.68
C LYS A 195 9.27 -6.67 -4.98
N CYS A 196 7.99 -6.34 -5.13
CA CYS A 196 7.36 -5.18 -4.50
C CYS A 196 6.59 -5.67 -3.28
N TYR A 197 6.68 -4.95 -2.15
CA TYR A 197 6.06 -5.34 -0.89
C TYR A 197 5.11 -4.30 -0.38
N MET A 198 3.94 -4.73 0.13
CA MET A 198 2.91 -3.89 0.71
C MET A 198 3.33 -3.58 2.15
N LEU A 199 3.31 -2.30 2.55
CA LEU A 199 3.68 -1.83 3.90
C LEU A 199 2.54 -1.09 4.60
N ASP A 200 2.69 -0.88 5.93
CA ASP A 200 1.84 -0.10 6.86
C ASP A 200 0.34 -0.46 6.87
N PHE A 201 -0.06 -1.30 7.83
CA PHE A 201 -1.43 -1.72 7.99
C PHE A 201 -2.13 -0.91 9.09
N GLY A 202 -1.57 0.25 9.46
CA GLY A 202 -2.09 1.17 10.47
C GLY A 202 -3.48 1.71 10.19
N LEU A 203 -3.88 1.80 8.91
CA LEU A 203 -5.24 2.29 8.62
C LEU A 203 -6.21 1.21 8.18
N ALA A 204 -5.76 -0.05 8.18
CA ALA A 204 -6.56 -1.20 7.74
C ALA A 204 -7.81 -1.39 8.56
N ARG A 205 -8.82 -2.02 7.94
CA ARG A 205 -10.07 -2.29 8.64
C ARG A 205 -10.61 -3.60 8.09
N GLN A 206 -11.11 -4.44 8.99
CA GLN A 206 -11.71 -5.73 8.64
C GLN A 206 -13.02 -5.45 7.93
N TYR A 207 -13.21 -5.97 6.72
CA TYR A 207 -14.52 -5.68 6.06
C TYR A 207 -15.53 -6.82 6.21
N THR A 208 -15.12 -7.93 6.83
CA THR A 208 -15.95 -9.13 7.05
C THR A 208 -16.13 -9.46 8.53
N ASN A 209 -16.76 -10.62 8.77
CA ASN A 209 -16.95 -11.24 10.08
C ASN A 209 -16.15 -12.56 10.04
N THR A 210 -16.49 -13.54 10.91
CA THR A 210 -15.79 -14.83 10.93
C THR A 210 -16.21 -15.74 9.77
N THR A 211 -17.46 -15.57 9.28
CA THR A 211 -18.02 -16.41 8.22
C THR A 211 -17.89 -15.86 6.79
N GLY A 212 -17.09 -14.79 6.65
CA GLY A 212 -16.85 -14.15 5.37
C GLY A 212 -18.01 -13.33 4.87
N ASP A 213 -18.93 -12.95 5.77
CA ASP A 213 -20.04 -12.07 5.40
C ASP A 213 -19.50 -10.65 5.43
N VAL A 214 -19.93 -9.83 4.49
CA VAL A 214 -19.52 -8.43 4.38
C VAL A 214 -20.24 -7.70 5.53
N ARG A 215 -19.46 -7.06 6.37
CA ARG A 215 -20.03 -6.36 7.50
C ARG A 215 -20.79 -5.09 7.05
N PRO A 216 -21.81 -4.64 7.84
CA PRO A 216 -22.57 -3.44 7.43
C PRO A 216 -21.72 -2.17 7.38
N PRO A 217 -21.90 -1.33 6.34
CA PRO A 217 -21.16 -0.07 6.30
C PRO A 217 -21.71 0.88 7.37
N ARG A 218 -20.88 1.80 7.89
CA ARG A 218 -21.40 2.82 8.81
C ARG A 218 -22.00 3.89 7.90
N ASN A 219 -22.94 4.70 8.44
CA ASN A 219 -23.64 5.77 7.70
C ASN A 219 -22.63 6.86 7.29
N VAL A 220 -21.70 7.11 8.20
CA VAL A 220 -20.59 8.04 7.97
C VAL A 220 -19.36 7.37 8.52
N ALA A 221 -18.28 7.42 7.76
CA ALA A 221 -16.99 6.89 8.15
C ALA A 221 -15.98 7.97 7.84
N GLY A 222 -15.45 8.62 8.87
CA GLY A 222 -14.47 9.69 8.71
C GLY A 222 -13.20 9.18 8.06
N PHE A 223 -12.85 9.72 6.90
CA PHE A 223 -11.66 9.27 6.18
C PHE A 223 -10.38 9.80 6.83
N ARG A 224 -9.46 8.87 7.08
CA ARG A 224 -8.20 9.10 7.81
C ARG A 224 -6.92 9.15 6.95
N GLY A 225 -6.92 8.50 5.79
CA GLY A 225 -5.77 8.39 4.90
C GLY A 225 -5.25 9.66 4.23
N THR A 226 -4.44 9.45 3.19
CA THR A 226 -3.81 10.54 2.43
C THR A 226 -4.68 10.96 1.30
N VAL A 227 -4.72 12.25 1.09
CA VAL A 227 -5.58 12.94 0.16
C VAL A 227 -5.37 12.62 -1.34
N ARG A 228 -4.10 12.65 -1.81
CA ARG A 228 -3.81 12.49 -3.23
C ARG A 228 -4.42 11.27 -3.97
N TYR A 229 -4.41 10.09 -3.35
CA TYR A 229 -4.85 8.86 -3.99
C TYR A 229 -6.17 8.36 -3.49
N ALA A 230 -6.84 9.11 -2.58
CA ALA A 230 -8.14 8.75 -2.01
C ALA A 230 -9.24 8.77 -3.07
N SER A 231 -10.12 7.77 -3.05
CA SER A 231 -11.26 7.75 -3.99
C SER A 231 -12.27 8.83 -3.60
N VAL A 232 -13.23 9.14 -4.47
CA VAL A 232 -14.30 10.12 -4.20
C VAL A 232 -15.16 9.66 -3.02
N ASN A 233 -15.36 8.34 -2.90
CA ASN A 233 -16.14 7.75 -1.80
C ASN A 233 -15.49 8.02 -0.48
N ALA A 234 -14.15 7.90 -0.41
CA ALA A 234 -13.37 8.15 0.79
C ALA A 234 -13.48 9.67 1.17
N HIS A 235 -13.38 10.55 0.16
CA HIS A 235 -13.52 12.00 0.35
C HIS A 235 -14.93 12.36 0.82
N LYS A 236 -15.93 11.57 0.41
CA LYS A 236 -17.31 11.83 0.85
C LYS A 236 -17.57 11.32 2.26
N ASN A 237 -16.54 10.76 2.95
CA ASN A 237 -16.71 10.21 4.30
C ASN A 237 -17.76 9.05 4.35
N ARG A 238 -17.77 8.25 3.28
CA ARG A 238 -18.62 7.05 3.17
C ARG A 238 -17.72 5.85 3.49
N GLU A 239 -18.33 4.75 3.99
CA GLU A 239 -17.62 3.50 4.26
C GLU A 239 -16.87 3.05 3.01
N MET A 240 -15.54 2.93 3.15
CA MET A 240 -14.70 2.45 2.08
C MET A 240 -14.88 0.96 1.87
N GLY A 241 -14.70 0.54 0.64
CA GLY A 241 -14.80 -0.86 0.27
C GLY A 241 -13.61 -1.28 -0.56
N ARG A 242 -13.63 -2.54 -1.09
CA ARG A 242 -12.50 -3.07 -1.88
C ARG A 242 -12.20 -2.22 -3.10
N HIS A 243 -13.26 -1.71 -3.75
CA HIS A 243 -13.11 -0.82 -4.93
C HIS A 243 -12.30 0.48 -4.62
N ASP A 244 -12.33 0.95 -3.35
CA ASP A 244 -11.62 2.18 -2.98
C ASP A 244 -10.11 1.98 -2.96
N ASP A 245 -9.66 0.76 -2.61
CA ASP A 245 -8.23 0.44 -2.70
C ASP A 245 -7.80 0.36 -4.17
N LEU A 246 -8.70 -0.12 -5.04
CA LEU A 246 -8.45 -0.20 -6.49
C LEU A 246 -8.45 1.19 -7.12
N TRP A 247 -9.30 2.13 -6.61
CA TRP A 247 -9.25 3.53 -7.06
C TRP A 247 -7.86 4.16 -6.81
N SER A 248 -7.30 3.88 -5.63
CA SER A 248 -5.97 4.36 -5.24
C SER A 248 -4.89 3.81 -6.17
N LEU A 249 -4.96 2.51 -6.50
CA LEU A 249 -4.03 1.87 -7.45
C LEU A 249 -4.12 2.61 -8.80
N PHE A 250 -5.34 2.86 -9.27
CA PHE A 250 -5.54 3.60 -10.51
C PHE A 250 -4.87 4.98 -10.48
N TYR A 251 -5.09 5.80 -9.43
CA TYR A 251 -4.42 7.11 -9.37
C TYR A 251 -2.90 6.98 -9.28
N MET A 252 -2.38 5.96 -8.54
CA MET A 252 -0.93 5.71 -8.45
C MET A 252 -0.32 5.45 -9.83
N LEU A 253 -0.95 4.55 -10.62
CA LEU A 253 -0.45 4.18 -11.96
C LEU A 253 -0.48 5.34 -12.96
N VAL A 254 -1.51 6.20 -12.90
CA VAL A 254 -1.60 7.40 -13.74
C VAL A 254 -0.40 8.31 -13.38
N GLU A 255 -0.17 8.54 -12.06
CA GLU A 255 0.95 9.35 -11.59
C GLU A 255 2.32 8.78 -12.00
N PHE A 256 2.53 7.47 -11.87
CA PHE A 256 3.78 6.82 -12.27
C PHE A 256 4.12 7.09 -13.75
N ALA A 257 3.14 6.93 -14.66
CA ALA A 257 3.31 7.08 -16.11
C ALA A 257 3.32 8.52 -16.61
N VAL A 258 2.52 9.41 -15.99
CA VAL A 258 2.39 10.84 -16.34
C VAL A 258 3.31 11.78 -15.50
N GLY A 259 3.63 11.37 -14.28
CA GLY A 259 4.51 12.13 -13.40
C GLY A 259 3.79 13.12 -12.51
N GLN A 260 2.47 13.23 -12.68
CA GLN A 260 1.61 14.12 -11.90
C GLN A 260 0.14 13.79 -12.03
N LEU A 261 -0.61 14.22 -11.01
CA LEU A 261 -2.07 14.13 -10.95
C LEU A 261 -2.60 15.57 -11.02
N PRO A 262 -3.79 15.84 -11.59
CA PRO A 262 -4.27 17.24 -11.71
C PRO A 262 -4.40 18.05 -10.42
N TRP A 263 -4.74 17.38 -9.30
CA TRP A 263 -4.93 17.98 -7.98
C TRP A 263 -3.68 17.99 -7.10
N ARG A 264 -2.50 17.65 -7.65
CA ARG A 264 -1.24 17.57 -6.91
C ARG A 264 -0.83 18.79 -6.03
N LYS A 265 -1.11 20.02 -6.50
CA LYS A 265 -0.71 21.19 -5.73
C LYS A 265 -1.66 21.55 -4.57
N ILE A 266 -2.90 21.04 -4.59
CA ILE A 266 -3.93 21.33 -3.59
C ILE A 266 -3.75 20.57 -2.28
N LYS A 267 -3.66 21.32 -1.17
CA LYS A 267 -3.48 20.79 0.18
C LYS A 267 -4.79 20.54 0.94
N ASP A 268 -5.84 21.39 0.72
CA ASP A 268 -7.17 21.27 1.36
C ASP A 268 -7.87 20.00 0.90
N LYS A 269 -8.23 19.15 1.85
CA LYS A 269 -8.89 17.84 1.64
C LYS A 269 -10.19 17.99 0.83
N GLU A 270 -11.08 18.91 1.27
CA GLU A 270 -12.35 19.16 0.61
C GLU A 270 -12.21 19.62 -0.83
N GLN A 271 -11.23 20.50 -1.11
CA GLN A 271 -11.01 21.00 -2.47
C GLN A 271 -10.59 19.86 -3.40
N VAL A 272 -9.64 19.02 -2.99
CA VAL A 272 -9.22 17.85 -3.78
C VAL A 272 -10.42 16.94 -4.14
N GLY A 273 -11.28 16.67 -3.17
CA GLY A 273 -12.46 15.82 -3.37
C GLY A 273 -13.41 16.39 -4.42
N MET A 274 -13.65 17.72 -4.35
CA MET A 274 -14.51 18.45 -5.29
C MET A 274 -13.97 18.44 -6.70
N ILE A 275 -12.63 18.61 -6.86
CA ILE A 275 -11.96 18.53 -8.17
C ILE A 275 -12.13 17.12 -8.73
N LYS A 276 -11.85 16.06 -7.92
CA LYS A 276 -11.96 14.65 -8.33
C LYS A 276 -13.34 14.24 -8.85
N GLU A 277 -14.38 14.62 -8.13
CA GLU A 277 -15.78 14.33 -8.44
C GLU A 277 -16.19 14.91 -9.80
N LYS A 278 -15.79 16.17 -10.09
CA LYS A 278 -16.12 16.87 -11.34
C LYS A 278 -15.18 16.49 -12.48
N TYR A 279 -13.93 16.13 -12.16
CA TYR A 279 -12.91 15.78 -13.15
C TYR A 279 -13.32 14.63 -14.06
N GLU A 280 -13.17 14.83 -15.38
CA GLU A 280 -13.48 13.80 -16.36
C GLU A 280 -12.30 12.85 -16.38
N HIS A 281 -12.46 11.70 -15.68
CA HIS A 281 -11.44 10.66 -15.51
C HIS A 281 -10.91 10.07 -16.80
N ARG A 282 -11.72 10.19 -17.88
CA ARG A 282 -11.32 9.75 -19.22
C ARG A 282 -10.13 10.59 -19.72
N MET A 283 -10.09 11.90 -19.35
CA MET A 283 -9.01 12.85 -19.67
C MET A 283 -7.68 12.44 -19.02
N LEU A 284 -7.71 11.68 -17.91
CA LEU A 284 -6.52 11.16 -17.21
C LEU A 284 -5.87 10.06 -18.04
N LEU A 285 -6.69 9.38 -18.86
CA LEU A 285 -6.32 8.26 -19.71
C LEU A 285 -5.82 8.62 -21.12
N LYS A 286 -5.65 9.94 -21.40
CA LYS A 286 -5.18 10.50 -22.68
C LYS A 286 -3.85 9.88 -23.16
N HIS A 287 -2.85 9.78 -22.27
CA HIS A 287 -1.53 9.21 -22.59
C HIS A 287 -1.33 7.80 -21.98
N MET A 288 -2.38 7.25 -21.34
CA MET A 288 -2.40 5.89 -20.73
C MET A 288 -2.83 4.86 -21.78
N PRO A 289 -2.53 3.53 -21.61
CA PRO A 289 -3.01 2.55 -22.60
C PRO A 289 -4.53 2.48 -22.66
N SER A 290 -5.07 2.12 -23.84
CA SER A 290 -6.50 2.08 -24.15
C SER A 290 -7.36 1.21 -23.24
N GLU A 291 -6.82 0.05 -22.81
CA GLU A 291 -7.57 -0.87 -21.96
C GLU A 291 -7.94 -0.37 -20.55
N PHE A 292 -7.25 0.69 -20.07
CA PHE A 292 -7.48 1.34 -18.78
C PHE A 292 -8.88 1.91 -18.66
N HIS A 293 -9.60 2.03 -19.79
CA HIS A 293 -10.98 2.47 -19.82
C HIS A 293 -11.85 1.35 -19.24
N LEU A 294 -11.41 0.10 -19.38
CA LEU A 294 -12.09 -1.08 -18.83
C LEU A 294 -11.85 -1.10 -17.33
N PHE A 295 -10.59 -0.84 -16.90
CA PHE A 295 -10.20 -0.71 -15.48
C PHE A 295 -11.08 0.41 -14.85
N LEU A 296 -11.07 1.62 -15.42
CA LEU A 296 -11.88 2.74 -14.93
C LEU A 296 -13.40 2.43 -14.90
N ASP A 297 -13.96 1.87 -16.01
CA ASP A 297 -15.39 1.52 -16.10
C ASP A 297 -15.81 0.50 -15.07
N HIS A 298 -14.96 -0.52 -14.84
CA HIS A 298 -15.23 -1.56 -13.87
C HIS A 298 -15.27 -1.00 -12.44
N ILE A 299 -14.24 -0.25 -12.03
CA ILE A 299 -14.21 0.29 -10.66
C ILE A 299 -15.29 1.32 -10.38
N ALA A 300 -15.67 2.12 -11.40
CA ALA A 300 -16.74 3.12 -11.32
C ALA A 300 -18.10 2.47 -11.15
N SER A 301 -18.28 1.22 -11.61
CA SER A 301 -19.53 0.46 -11.50
C SER A 301 -19.71 -0.24 -10.14
N LEU A 302 -18.61 -0.43 -9.38
CA LEU A 302 -18.63 -1.12 -8.10
C LEU A 302 -19.20 -0.30 -6.97
N ASP A 303 -19.71 -0.99 -5.95
CA ASP A 303 -20.21 -0.38 -4.73
C ASP A 303 -19.53 -1.10 -3.54
N TYR A 304 -19.76 -0.64 -2.29
CA TYR A 304 -19.16 -1.21 -1.08
C TYR A 304 -19.27 -2.76 -1.01
N PHE A 305 -20.47 -3.31 -1.32
CA PHE A 305 -20.78 -4.75 -1.20
C PHE A 305 -20.17 -5.65 -2.26
N THR A 306 -20.10 -5.18 -3.51
CA THR A 306 -19.63 -5.96 -4.67
C THR A 306 -18.16 -6.36 -4.69
N LYS A 307 -17.90 -7.67 -4.83
CA LYS A 307 -16.53 -8.17 -4.96
C LYS A 307 -15.97 -7.71 -6.30
N PRO A 308 -14.78 -7.05 -6.34
CA PRO A 308 -14.22 -6.62 -7.62
C PRO A 308 -13.80 -7.78 -8.51
N ASP A 309 -13.67 -7.50 -9.80
CA ASP A 309 -13.18 -8.45 -10.78
C ASP A 309 -11.69 -8.21 -10.92
N TYR A 310 -10.89 -8.81 -10.01
CA TYR A 310 -9.42 -8.67 -10.03
C TYR A 310 -8.81 -9.20 -11.34
N GLN A 311 -9.40 -10.27 -11.93
CA GLN A 311 -8.90 -10.83 -13.20
C GLN A 311 -9.12 -9.87 -14.37
N LEU A 312 -10.24 -9.10 -14.37
CA LEU A 312 -10.47 -8.08 -15.41
C LEU A 312 -9.34 -7.06 -15.36
N ILE A 313 -9.03 -6.53 -14.15
CA ILE A 313 -7.98 -5.55 -13.95
C ILE A 313 -6.60 -6.12 -14.31
N MET A 314 -6.30 -7.36 -13.90
CA MET A 314 -5.03 -8.03 -14.20
C MET A 314 -4.85 -8.22 -15.73
N SER A 315 -5.94 -8.57 -16.45
CA SER A 315 -5.95 -8.71 -17.92
C SER A 315 -5.60 -7.37 -18.56
N VAL A 316 -6.13 -6.26 -18.02
CA VAL A 316 -5.83 -4.90 -18.48
C VAL A 316 -4.32 -4.67 -18.47
N PHE A 317 -3.62 -5.11 -17.41
CA PHE A 317 -2.15 -4.94 -17.38
C PHE A 317 -1.43 -5.93 -18.29
N GLU A 318 -1.86 -7.21 -18.26
CA GLU A 318 -1.26 -8.27 -19.07
C GLU A 318 -1.40 -8.04 -20.58
N ASN A 319 -2.59 -7.63 -21.05
CA ASN A 319 -2.83 -7.31 -22.46
C ASN A 319 -2.11 -6.02 -22.87
N SER A 320 -2.01 -5.00 -21.98
CA SER A 320 -1.28 -3.76 -22.27
C SER A 320 0.19 -4.02 -22.46
N MET A 321 0.72 -5.01 -21.75
CA MET A 321 2.13 -5.42 -21.79
C MET A 321 2.40 -6.18 -23.10
N LYS A 322 1.63 -7.27 -23.35
CA LYS A 322 1.68 -8.15 -24.51
C LYS A 322 1.56 -7.35 -25.82
N GLU A 323 0.63 -6.37 -25.88
CA GLU A 323 0.43 -5.54 -27.06
C GLU A 323 1.52 -4.46 -27.28
N ARG A 324 2.55 -4.43 -26.40
CA ARG A 324 3.69 -3.50 -26.46
C ARG A 324 5.05 -4.22 -26.43
N GLY A 325 5.03 -5.55 -26.35
CA GLY A 325 6.23 -6.38 -26.29
C GLY A 325 6.99 -6.30 -24.98
N ILE A 326 6.28 -6.04 -23.87
CA ILE A 326 6.85 -5.93 -22.52
C ILE A 326 6.89 -7.33 -21.89
N ALA A 327 8.08 -7.70 -21.37
CA ALA A 327 8.33 -8.99 -20.74
C ALA A 327 8.60 -8.86 -19.24
N GLU A 328 8.20 -9.87 -18.46
CA GLU A 328 8.38 -9.91 -17.00
C GLU A 328 9.83 -9.84 -16.54
N ASN A 329 10.74 -10.46 -17.30
CA ASN A 329 12.18 -10.51 -17.03
C ASN A 329 12.92 -9.19 -17.31
N GLU A 330 12.19 -8.13 -17.78
CA GLU A 330 12.75 -6.82 -18.11
C GLU A 330 13.32 -6.10 -16.89
N ALA A 331 14.32 -5.23 -17.11
CA ALA A 331 14.92 -4.45 -16.04
C ALA A 331 14.02 -3.27 -15.62
N PHE A 332 13.98 -2.95 -14.31
CA PHE A 332 13.21 -1.81 -13.81
C PHE A 332 14.01 -0.55 -14.06
N ASP A 333 13.35 0.62 -14.18
CA ASP A 333 14.02 1.89 -14.48
C ASP A 333 15.19 2.26 -13.58
N TRP A 334 15.12 1.94 -12.26
CA TRP A 334 16.21 2.29 -11.31
C TRP A 334 17.44 1.36 -11.45
N GLU A 335 17.28 0.23 -12.19
CA GLU A 335 18.31 -0.78 -12.47
C GLU A 335 19.05 -0.43 -13.76
S DMS B . 1.09 -7.40 20.43
O DMS B . 0.10 -6.93 19.53
C1 DMS B . 2.73 -6.92 19.88
C2 DMS B . 1.23 -9.20 20.48
N1 DTQ C . 8.40 -2.82 6.79
C2 DTQ C . 9.58 -3.29 6.42
N3 DTQ C . 10.62 -2.60 5.94
C4 DTQ C . 10.45 -1.28 5.84
C5 DTQ C . 9.27 -0.68 6.23
C6 DTQ C . 8.25 -1.49 6.70
C7 DTQ C . 11.48 -0.50 5.35
C8 DTQ C . 11.37 0.87 5.25
C9 DTQ C . 10.17 1.45 5.64
C10 DTQ C . 9.12 0.69 6.12
N12 DTQ C . 7.02 -0.90 7.10
C14 DTQ C . 5.90 -1.62 7.58
C15 DTQ C . 5.12 -0.99 8.52
C16 DTQ C . 4.01 -1.64 9.02
C17 DTQ C . 3.63 -2.90 8.59
C18 DTQ C . 4.41 -3.51 7.64
C19 DTQ C . 5.53 -2.87 7.13
O21 DTQ C . 3.27 -0.96 9.94
O26 DTQ C . 12.40 1.70 4.77
C27 DTQ C . 13.66 1.06 4.60
O31 DTQ C . 10.02 2.83 5.48
C32 DTQ C . 9.53 3.39 6.72
#